data_1E25
#
_entry.id   1E25
#
_cell.length_a   84.600
_cell.length_b   84.600
_cell.length_c   46.890
_cell.angle_alpha   90.00
_cell.angle_beta   90.00
_cell.angle_gamma   90.00
#
_symmetry.space_group_name_H-M   'P 43'
#
loop_
_entity.id
_entity.type
_entity.pdbx_description
1 polymer 'EXTENDED-SPECTRUM BETA-LACTAMASE PER-1'
2 non-polymer 'SULFATE ION'
3 water water
#
_entity_poly.entity_id   1
_entity_poly.type   'polypeptide(L)'
_entity_poly.pdbx_seq_one_letter_code
;QSPLLKEQIESIVIGKKATVGVAVWGPDDLEPLLINPFEKFPMQSVFKLHLAMLVLHQVDQGKLDLNQTVIVNRAKVLQN
TWAPIMKAYQGDEFSVPVQQLLQYSVSHSDNVACDLLFELVGGPAALHDYIQSMGIKETAVVANEAQMHADDQVQYQNWT
SMKGAAEILKKFEQKTQLSETSQALLWKWMVETTTGPERLKGLLPAGTVVAHKTGTSQIKAGKTAATNDLGIILLPDGRP
LLVAVFVKDSAESSRTNEAIIAQVAQTAYQFELKKLSALSPN
;
_entity_poly.pdbx_strand_id   A
#
# COMPACT_ATOMS: atom_id res chain seq x y z
N SER A 2 -20.48 4.26 11.42
CA SER A 2 -20.97 5.57 11.99
C SER A 2 -21.30 6.72 11.03
N PRO A 3 -22.55 7.18 11.07
CA PRO A 3 -22.96 8.29 10.20
C PRO A 3 -22.24 9.61 10.52
N LEU A 4 -21.87 9.85 11.78
CA LEU A 4 -21.19 11.13 12.05
C LEU A 4 -19.81 11.20 11.40
N LEU A 5 -19.03 10.12 11.49
CA LEU A 5 -17.70 10.09 10.88
C LEU A 5 -17.83 10.22 9.37
N LYS A 6 -18.80 9.53 8.77
CA LYS A 6 -18.99 9.63 7.33
C LYS A 6 -19.24 11.07 6.90
N GLU A 7 -20.04 11.78 7.67
CA GLU A 7 -20.34 13.16 7.33
C GLU A 7 -19.10 14.03 7.45
N GLN A 8 -18.26 13.79 8.48
CA GLN A 8 -17.04 14.57 8.67
C GLN A 8 -16.05 14.35 7.54
N ILE A 9 -15.95 13.11 7.07
CA ILE A 9 -15.04 12.81 5.98
C ILE A 9 -15.58 13.43 4.71
N GLU A 10 -16.89 13.35 4.48
CA GLU A 10 -17.42 13.94 3.25
C GLU A 10 -17.16 15.45 3.17
N SER A 11 -17.10 16.10 4.33
N SER A 11 -17.12 16.13 4.30
CA SER A 11 -16.86 17.55 4.38
CA SER A 11 -16.87 17.56 4.25
C SER A 11 -15.45 17.90 3.95
C SER A 11 -15.51 17.82 3.67
N ILE A 12 -14.57 16.90 3.92
CA ILE A 12 -13.21 17.11 3.45
C ILE A 12 -13.10 16.93 1.93
N VAL A 13 -13.80 15.94 1.37
CA VAL A 13 -13.69 15.68 -0.06
C VAL A 13 -14.60 16.48 -0.97
N ILE A 14 -15.71 16.99 -0.43
CA ILE A 14 -16.61 17.79 -1.26
C ILE A 14 -15.88 19.10 -1.58
N GLY A 15 -15.94 19.53 -2.84
CA GLY A 15 -15.27 20.76 -3.22
C GLY A 15 -13.84 20.55 -3.74
N LYS A 16 -13.30 19.33 -3.64
CA LYS A 16 -11.96 19.05 -4.16
C LYS A 16 -12.10 18.43 -5.54
N LYS A 17 -11.33 18.92 -6.50
CA LYS A 17 -11.40 18.37 -7.85
C LYS A 17 -10.66 17.03 -7.98
N ALA A 18 -11.25 16.00 -7.36
CA ALA A 18 -10.71 14.65 -7.35
C ALA A 18 -11.81 13.69 -6.88
N THR A 19 -11.61 12.39 -7.09
CA THR A 19 -12.58 11.43 -6.61
C THR A 19 -11.83 10.68 -5.51
N VAL A 20 -12.39 10.69 -4.30
CA VAL A 20 -11.74 10.09 -3.15
C VAL A 20 -12.44 8.85 -2.61
N GLY A 21 -11.68 7.79 -2.37
CA GLY A 21 -12.22 6.58 -1.79
C GLY A 21 -11.60 6.47 -0.38
N VAL A 22 -12.39 6.05 0.59
CA VAL A 22 -11.90 5.91 1.96
C VAL A 22 -12.41 4.62 2.61
N ALA A 23 -11.59 3.99 3.43
CA ALA A 23 -12.03 2.82 4.18
C ALA A 23 -11.49 3.07 5.58
N VAL A 24 -12.33 2.98 6.60
CA VAL A 24 -11.90 3.18 7.99
C VAL A 24 -12.45 2.00 8.80
N TRP A 25 -11.58 1.30 9.52
CA TRP A 25 -12.03 0.17 10.31
C TRP A 25 -11.39 0.25 11.72
N GLY A 26 -12.17 0.68 12.70
CA GLY A 26 -11.67 0.82 14.05
C GLY A 26 -11.70 -0.51 14.76
N PRO A 27 -11.01 -0.62 15.89
CA PRO A 27 -11.01 -1.88 16.62
C PRO A 27 -12.36 -2.38 17.16
N ASP A 28 -13.33 -1.51 17.40
CA ASP A 28 -14.62 -2.01 17.89
C ASP A 28 -15.71 -2.03 16.83
N ASP A 29 -15.32 -1.87 15.57
CA ASP A 29 -16.28 -1.87 14.47
C ASP A 29 -16.44 -3.25 13.86
N LEU A 30 -17.68 -3.64 13.62
CA LEU A 30 -18.00 -4.92 13.00
C LEU A 30 -17.72 -4.88 11.51
N GLU A 31 -18.03 -3.75 10.88
CA GLU A 31 -17.85 -3.53 9.44
C GLU A 31 -17.04 -2.26 9.24
N PRO A 32 -16.33 -2.14 8.11
CA PRO A 32 -15.56 -0.91 7.91
C PRO A 32 -16.48 0.15 7.32
N LEU A 33 -16.14 1.42 7.53
CA LEU A 33 -16.88 2.51 6.93
C LEU A 33 -16.24 2.71 5.56
N LEU A 34 -17.04 2.67 4.50
CA LEU A 34 -16.52 2.86 3.14
C LEU A 34 -17.11 4.11 2.47
N ILE A 35 -16.25 4.91 1.86
CA ILE A 35 -16.71 6.09 1.13
C ILE A 35 -16.39 5.80 -0.35
N ASN A 36 -17.40 5.89 -1.19
CA ASN A 36 -17.30 5.56 -2.64
C ASN A 36 -17.01 4.08 -2.83
N PRO A 37 -17.88 3.21 -2.31
CA PRO A 37 -17.67 1.76 -2.42
C PRO A 37 -17.73 1.12 -3.81
N PHE A 38 -18.33 1.79 -4.78
CA PHE A 38 -18.46 1.17 -6.10
C PHE A 38 -17.46 1.62 -7.15
N GLU A 39 -16.57 2.53 -6.77
CA GLU A 39 -15.59 3.07 -7.70
C GLU A 39 -14.31 2.20 -7.73
N LYS A 40 -13.64 2.14 -8.88
CA LYS A 40 -12.42 1.36 -9.03
C LYS A 40 -11.26 2.32 -8.89
N PHE A 41 -10.36 2.08 -7.94
CA PHE A 41 -9.20 2.96 -7.71
C PHE A 41 -7.86 2.36 -8.16
N PRO A 42 -7.08 3.11 -8.98
CA PRO A 42 -5.79 2.59 -9.44
C PRO A 42 -4.90 2.45 -8.22
N MET A 43 -4.21 1.33 -8.10
CA MET A 43 -3.39 1.12 -6.91
C MET A 43 -1.99 1.71 -6.94
N GLN A 44 -1.41 1.84 -8.14
CA GLN A 44 -0.02 2.27 -8.26
C GLN A 44 0.80 1.33 -7.33
N SER A 45 1.79 1.86 -6.59
CA SER A 45 2.65 1.04 -5.74
C SER A 45 2.01 0.38 -4.52
N VAL A 46 0.74 0.63 -4.27
CA VAL A 46 0.09 -0.01 -3.14
C VAL A 46 0.17 -1.54 -3.30
N PHE A 47 0.11 -2.06 -4.53
CA PHE A 47 0.12 -3.52 -4.71
C PHE A 47 1.44 -4.20 -4.34
N LYS A 48 2.48 -3.41 -4.01
CA LYS A 48 3.73 -4.00 -3.56
C LYS A 48 3.49 -4.61 -2.17
N LEU A 49 2.42 -4.20 -1.50
CA LEU A 49 2.07 -4.78 -0.21
C LEU A 49 1.59 -6.23 -0.44
N HIS A 50 0.62 -6.38 -1.34
CA HIS A 50 0.09 -7.71 -1.64
C HIS A 50 1.20 -8.63 -2.12
N LEU A 51 2.08 -8.09 -2.97
CA LEU A 51 3.19 -8.88 -3.51
C LEU A 51 4.13 -9.37 -2.39
N ALA A 52 4.44 -8.50 -1.43
CA ALA A 52 5.32 -8.89 -0.32
C ALA A 52 4.67 -10.03 0.47
N MET A 53 3.35 -9.98 0.65
CA MET A 53 2.67 -11.04 1.39
C MET A 53 2.78 -12.37 0.62
N LEU A 54 2.59 -12.35 -0.69
CA LEU A 54 2.71 -13.58 -1.47
C LEU A 54 4.13 -14.13 -1.34
N VAL A 55 5.15 -13.27 -1.48
CA VAL A 55 6.51 -13.75 -1.42
C VAL A 55 6.83 -14.31 -0.02
N LEU A 56 6.40 -13.63 1.04
CA LEU A 56 6.69 -14.13 2.39
C LEU A 56 5.91 -15.42 2.65
N HIS A 57 4.73 -15.53 2.04
CA HIS A 57 3.95 -16.73 2.17
C HIS A 57 4.72 -17.93 1.55
N GLN A 58 5.42 -17.69 0.45
N GLN A 58 5.42 -17.69 0.45
CA GLN A 58 6.20 -18.75 -0.20
CA GLN A 58 6.20 -18.75 -0.19
C GLN A 58 7.48 -19.07 0.57
C GLN A 58 7.40 -19.11 0.70
N VAL A 59 7.98 -18.10 1.34
CA VAL A 59 9.14 -18.31 2.19
C VAL A 59 8.65 -19.19 3.35
N ASP A 60 7.48 -18.85 3.90
CA ASP A 60 6.89 -19.62 5.02
C ASP A 60 6.69 -21.10 4.62
N GLN A 61 6.33 -21.32 3.36
CA GLN A 61 6.12 -22.67 2.85
C GLN A 61 7.41 -23.34 2.44
N GLY A 62 8.53 -22.66 2.61
CA GLY A 62 9.79 -23.25 2.22
C GLY A 62 10.06 -23.29 0.73
N LYS A 63 9.20 -22.67 -0.09
CA LYS A 63 9.39 -22.65 -1.54
C LYS A 63 10.41 -21.62 -1.99
N LEU A 64 10.68 -20.62 -1.15
CA LEU A 64 11.67 -19.57 -1.43
C LEU A 64 12.45 -19.36 -0.12
N ASP A 65 13.65 -18.80 -0.22
N ASP A 65 13.64 -18.80 -0.22
CA ASP A 65 14.47 -18.53 0.96
CA ASP A 65 14.44 -18.52 0.95
C ASP A 65 14.78 -17.03 0.98
C ASP A 65 14.70 -17.02 0.97
N LEU A 66 14.75 -16.42 2.16
CA LEU A 66 15.02 -15.00 2.28
C LEU A 66 16.43 -14.64 1.78
N ASN A 67 17.35 -15.61 1.76
CA ASN A 67 18.71 -15.33 1.29
C ASN A 67 18.96 -15.77 -0.13
N GLN A 68 17.93 -16.31 -0.76
CA GLN A 68 18.02 -16.73 -2.15
C GLN A 68 18.39 -15.42 -2.84
N THR A 69 19.35 -15.43 -3.75
CA THR A 69 19.71 -14.17 -4.39
C THR A 69 19.45 -14.17 -5.89
N VAL A 70 19.25 -12.97 -6.41
CA VAL A 70 18.96 -12.76 -7.82
C VAL A 70 20.11 -11.98 -8.48
N ILE A 71 20.51 -12.41 -9.68
CA ILE A 71 21.55 -11.68 -10.42
C ILE A 71 20.87 -10.48 -11.12
N VAL A 72 21.38 -9.27 -10.92
CA VAL A 72 20.79 -8.09 -11.55
C VAL A 72 21.73 -7.54 -12.60
N ASN A 73 21.26 -7.48 -13.86
CA ASN A 73 22.06 -6.91 -14.94
C ASN A 73 21.54 -5.49 -15.17
N ARG A 74 22.37 -4.51 -14.85
CA ARG A 74 21.99 -3.11 -14.96
C ARG A 74 21.40 -2.70 -16.32
N ALA A 75 21.82 -3.39 -17.38
CA ALA A 75 21.34 -3.07 -18.72
C ALA A 75 20.02 -3.72 -19.07
N LYS A 76 19.65 -4.77 -18.36
CA LYS A 76 18.43 -5.49 -18.66
C LYS A 76 17.21 -5.14 -17.80
N VAL A 77 17.42 -4.40 -16.72
CA VAL A 77 16.28 -4.06 -15.87
C VAL A 77 15.57 -2.83 -16.46
N LEU A 78 14.35 -2.54 -15.97
CA LEU A 78 13.58 -1.38 -16.44
C LEU A 78 14.46 -0.15 -16.26
N GLN A 79 14.61 0.62 -17.32
CA GLN A 79 15.47 1.79 -17.28
C GLN A 79 14.69 3.06 -16.92
N ASN A 80 15.39 4.03 -16.33
CA ASN A 80 14.77 5.29 -15.97
C ASN A 80 13.38 5.15 -15.33
N THR A 81 13.42 4.70 -14.09
CA THR A 81 12.23 4.51 -13.29
C THR A 81 12.77 4.69 -11.88
N TRP A 82 11.89 4.77 -10.89
CA TRP A 82 12.33 4.90 -9.49
C TRP A 82 12.85 3.52 -9.04
N ALA A 83 14.16 3.41 -8.80
CA ALA A 83 14.77 2.15 -8.37
C ALA A 83 16.02 2.39 -7.52
N PRO A 84 15.83 2.78 -6.25
CA PRO A 84 16.93 3.05 -5.32
C PRO A 84 17.93 1.90 -5.21
N ILE A 85 17.47 0.65 -5.42
CA ILE A 85 18.37 -0.50 -5.31
C ILE A 85 19.52 -0.40 -6.31
N MET A 86 19.28 0.25 -7.46
CA MET A 86 20.32 0.37 -8.49
C MET A 86 21.41 1.33 -8.06
N LYS A 87 21.14 2.09 -7.03
CA LYS A 87 22.14 3.03 -6.52
C LYS A 87 22.82 2.49 -5.28
N ALA A 88 22.31 1.39 -4.73
CA ALA A 88 22.87 0.79 -3.53
C ALA A 88 24.01 -0.17 -3.86
N TYR A 89 24.13 -0.57 -5.12
CA TYR A 89 25.20 -1.46 -5.53
C TYR A 89 25.88 -0.89 -6.75
N GLN A 90 27.17 -1.13 -6.86
CA GLN A 90 27.94 -0.68 -8.01
C GLN A 90 28.21 -1.83 -8.96
N GLY A 91 28.41 -1.51 -10.22
CA GLY A 91 28.69 -2.55 -11.19
C GLY A 91 27.56 -2.75 -12.16
N ASP A 92 27.88 -3.34 -13.28
CA ASP A 92 26.89 -3.59 -14.31
C ASP A 92 26.15 -4.86 -13.99
N GLU A 93 26.74 -5.66 -13.11
CA GLU A 93 26.12 -6.89 -12.68
C GLU A 93 26.44 -7.12 -11.21
N PHE A 94 25.42 -7.45 -10.43
CA PHE A 94 25.57 -7.72 -9.00
C PHE A 94 24.42 -8.64 -8.59
N SER A 95 24.48 -9.21 -7.37
N SER A 95 24.46 -9.16 -7.36
CA SER A 95 23.43 -10.12 -6.89
CA SER A 95 23.41 -10.04 -6.90
C SER A 95 22.86 -9.67 -5.54
C SER A 95 22.82 -9.45 -5.64
N VAL A 96 21.54 -9.74 -5.41
CA VAL A 96 20.80 -9.25 -4.24
C VAL A 96 19.88 -10.30 -3.65
N PRO A 97 19.87 -10.45 -2.29
CA PRO A 97 18.98 -11.45 -1.71
C PRO A 97 17.51 -11.00 -1.70
N VAL A 98 16.62 -11.98 -1.65
CA VAL A 98 15.18 -11.74 -1.65
C VAL A 98 14.77 -10.80 -0.50
N GLN A 99 15.42 -10.99 0.65
N GLN A 99 15.32 -10.98 0.69
CA GLN A 99 15.19 -10.19 1.87
CA GLN A 99 14.91 -10.11 1.77
C GLN A 99 15.31 -8.69 1.60
C GLN A 99 15.18 -8.64 1.43
N GLN A 100 16.31 -8.34 0.80
CA GLN A 100 16.59 -6.96 0.46
C GLN A 100 15.69 -6.44 -0.65
N LEU A 101 15.33 -7.32 -1.59
CA LEU A 101 14.42 -6.90 -2.65
C LEU A 101 13.07 -6.55 -2.01
N LEU A 102 12.65 -7.35 -1.03
CA LEU A 102 11.38 -7.09 -0.35
C LEU A 102 11.44 -5.75 0.39
N GLN A 103 12.51 -5.54 1.12
CA GLN A 103 12.68 -4.30 1.83
C GLN A 103 12.63 -3.08 0.91
N TYR A 104 13.33 -3.15 -0.23
CA TYR A 104 13.33 -2.05 -1.17
C TYR A 104 11.99 -1.85 -1.87
N SER A 105 11.29 -2.93 -2.18
N SER A 105 11.29 -2.95 -2.16
CA SER A 105 9.99 -2.80 -2.83
CA SER A 105 9.97 -2.92 -2.83
C SER A 105 9.02 -2.11 -1.88
C SER A 105 8.90 -2.30 -1.94
N VAL A 106 8.95 -2.63 -0.64
CA VAL A 106 8.00 -2.10 0.34
C VAL A 106 8.36 -0.76 0.94
N SER A 107 9.53 -0.66 1.58
CA SER A 107 9.93 0.59 2.20
C SER A 107 10.27 1.69 1.25
N HIS A 108 10.95 1.38 0.13
CA HIS A 108 11.36 2.40 -0.82
C HIS A 108 10.55 2.44 -2.10
N SER A 109 9.52 1.59 -2.18
CA SER A 109 8.65 1.55 -3.35
C SER A 109 9.44 1.35 -4.64
N ASP A 110 10.51 0.56 -4.54
CA ASP A 110 11.41 0.30 -5.68
C ASP A 110 10.73 -0.46 -6.82
N ASN A 111 10.76 0.08 -8.03
CA ASN A 111 10.12 -0.57 -9.18
C ASN A 111 10.90 -1.75 -9.76
N VAL A 112 12.22 -1.71 -9.73
CA VAL A 112 13.01 -2.84 -10.25
C VAL A 112 12.91 -4.03 -9.28
N ALA A 113 13.01 -3.76 -7.98
CA ALA A 113 12.91 -4.82 -6.97
C ALA A 113 11.56 -5.50 -7.11
N CYS A 114 10.51 -4.70 -7.33
CA CYS A 114 9.15 -5.25 -7.51
C CYS A 114 9.06 -6.27 -8.65
N ASP A 115 9.56 -5.90 -9.83
CA ASP A 115 9.46 -6.80 -10.98
C ASP A 115 10.35 -8.03 -10.84
N LEU A 116 11.48 -7.89 -10.16
CA LEU A 116 12.36 -9.04 -9.94
C LEU A 116 11.62 -10.05 -9.03
N LEU A 117 10.85 -9.55 -8.06
CA LEU A 117 10.10 -10.45 -7.16
C LEU A 117 8.97 -11.13 -7.97
N PHE A 118 8.30 -10.37 -8.83
CA PHE A 118 7.25 -10.94 -9.67
C PHE A 118 7.78 -12.14 -10.43
N GLU A 119 9.00 -12.04 -10.94
CA GLU A 119 9.61 -13.14 -11.71
C GLU A 119 9.86 -14.39 -10.93
N LEU A 120 10.00 -14.29 -9.62
CA LEU A 120 10.22 -15.48 -8.80
C LEU A 120 8.94 -16.27 -8.52
N VAL A 121 7.79 -15.62 -8.59
CA VAL A 121 6.52 -16.27 -8.25
C VAL A 121 5.51 -16.56 -9.38
N GLY A 122 5.83 -16.18 -10.62
CA GLY A 122 4.91 -16.44 -11.71
C GLY A 122 4.15 -15.22 -12.21
N GLY A 123 4.62 -14.03 -11.89
CA GLY A 123 4.00 -12.80 -12.38
C GLY A 123 2.67 -12.34 -11.79
N PRO A 124 2.10 -11.27 -12.36
CA PRO A 124 0.82 -10.70 -11.93
C PRO A 124 -0.30 -11.74 -11.72
N ALA A 125 -0.35 -12.74 -12.61
CA ALA A 125 -1.34 -13.80 -12.55
C ALA A 125 -1.25 -14.55 -11.23
N ALA A 126 -0.02 -14.80 -10.77
CA ALA A 126 0.21 -15.51 -9.51
C ALA A 126 -0.28 -14.67 -8.34
N LEU A 127 -0.07 -13.36 -8.42
CA LEU A 127 -0.51 -12.48 -7.35
C LEU A 127 -2.04 -12.41 -7.33
N HIS A 128 -2.66 -12.30 -8.49
CA HIS A 128 -4.11 -12.28 -8.55
C HIS A 128 -4.74 -13.54 -7.93
N ASP A 129 -4.14 -14.71 -8.22
CA ASP A 129 -4.65 -15.96 -7.64
C ASP A 129 -4.54 -15.92 -6.11
N TYR A 130 -3.41 -15.44 -5.61
CA TYR A 130 -3.16 -15.37 -4.18
C TYR A 130 -4.19 -14.48 -3.49
N ILE A 131 -4.49 -13.33 -4.10
CA ILE A 131 -5.46 -12.40 -3.53
C ILE A 131 -6.85 -13.04 -3.48
N GLN A 132 -7.27 -13.64 -4.59
CA GLN A 132 -8.58 -14.30 -4.65
C GLN A 132 -8.61 -15.41 -3.61
N SER A 133 -7.50 -16.14 -3.45
CA SER A 133 -7.47 -17.22 -2.48
C SER A 133 -7.73 -16.74 -1.05
N MET A 134 -7.50 -15.45 -0.75
CA MET A 134 -7.77 -14.91 0.59
C MET A 134 -9.21 -14.41 0.68
N GLY A 135 -9.98 -14.66 -0.38
CA GLY A 135 -11.38 -14.26 -0.40
C GLY A 135 -11.63 -12.82 -0.81
N ILE A 136 -10.62 -12.13 -1.32
CA ILE A 136 -10.78 -10.75 -1.76
C ILE A 136 -11.08 -10.78 -3.25
N LYS A 137 -12.30 -10.42 -3.63
CA LYS A 137 -12.70 -10.45 -5.03
C LYS A 137 -12.58 -9.09 -5.74
N GLU A 138 -12.63 -8.01 -4.97
CA GLU A 138 -12.56 -6.68 -5.55
C GLU A 138 -11.21 -5.99 -5.64
N THR A 139 -10.22 -6.73 -6.12
CA THR A 139 -8.86 -6.19 -6.31
C THR A 139 -8.33 -6.91 -7.54
N ALA A 140 -7.93 -6.19 -8.57
CA ALA A 140 -7.40 -6.86 -9.75
C ALA A 140 -5.93 -6.50 -10.00
N VAL A 141 -5.14 -7.51 -10.36
CA VAL A 141 -3.73 -7.29 -10.68
C VAL A 141 -3.47 -8.00 -12.01
N VAL A 142 -3.12 -7.22 -13.03
CA VAL A 142 -2.87 -7.80 -14.34
C VAL A 142 -1.53 -7.39 -14.92
N ALA A 143 -0.91 -6.35 -14.36
CA ALA A 143 0.35 -5.88 -14.92
C ALA A 143 1.45 -5.62 -13.90
N ASN A 144 2.70 -5.72 -14.36
CA ASN A 144 3.82 -5.43 -13.51
C ASN A 144 4.24 -3.97 -13.77
N GLU A 145 5.31 -3.52 -13.12
CA GLU A 145 5.75 -2.14 -13.28
C GLU A 145 6.20 -1.78 -14.69
N ALA A 146 6.93 -2.68 -15.33
CA ALA A 146 7.39 -2.47 -16.70
C ALA A 146 6.20 -2.23 -17.63
N GLN A 147 5.19 -3.09 -17.56
CA GLN A 147 4.00 -2.94 -18.39
C GLN A 147 3.26 -1.66 -18.06
N MET A 148 3.23 -1.28 -16.79
CA MET A 148 2.54 -0.05 -16.41
C MET A 148 3.32 1.15 -16.90
N HIS A 149 4.63 0.96 -17.07
CA HIS A 149 5.53 2.01 -17.52
C HIS A 149 5.42 2.20 -19.05
N ALA A 150 5.09 1.12 -19.74
CA ALA A 150 4.96 1.11 -21.19
C ALA A 150 3.71 1.79 -21.69
N ASP A 151 2.61 1.64 -20.94
CA ASP A 151 1.32 2.22 -21.31
C ASP A 151 0.63 2.78 -20.09
N ASP A 152 0.43 4.11 -20.05
CA ASP A 152 -0.19 4.73 -18.89
C ASP A 152 -1.69 4.46 -18.62
N GLN A 153 -2.34 3.67 -19.48
CA GLN A 153 -3.74 3.32 -19.26
C GLN A 153 -3.79 2.10 -18.37
N VAL A 154 -2.75 1.28 -18.48
CA VAL A 154 -2.59 0.03 -17.74
C VAL A 154 -2.75 0.19 -16.23
N GLN A 155 -2.28 1.31 -15.69
CA GLN A 155 -2.36 1.52 -14.25
C GLN A 155 -3.79 1.40 -13.75
N TYR A 156 -4.76 1.73 -14.59
CA TYR A 156 -6.16 1.62 -14.18
C TYR A 156 -6.61 0.16 -14.12
N GLN A 157 -5.86 -0.74 -14.73
CA GLN A 157 -6.23 -2.15 -14.70
C GLN A 157 -5.77 -2.88 -13.42
N ASN A 158 -4.83 -2.26 -12.69
CA ASN A 158 -4.39 -2.80 -11.39
C ASN A 158 -5.20 -1.96 -10.42
N TRP A 159 -6.43 -2.37 -10.15
CA TRP A 159 -7.29 -1.57 -9.28
C TRP A 159 -7.83 -2.28 -8.06
N THR A 160 -8.45 -1.51 -7.17
CA THR A 160 -9.07 -2.10 -5.99
C THR A 160 -10.28 -1.25 -5.61
N SER A 161 -11.26 -1.89 -4.96
CA SER A 161 -12.41 -1.17 -4.43
C SER A 161 -11.95 -0.90 -2.98
N MET A 162 -12.68 -0.02 -2.27
N MET A 162 -12.68 -0.03 -2.28
CA MET A 162 -12.31 0.31 -0.90
CA MET A 162 -12.33 0.29 -0.90
C MET A 162 -12.62 -0.85 0.06
C MET A 162 -12.52 -0.94 -0.02
N LYS A 163 -13.53 -1.74 -0.34
CA LYS A 163 -13.77 -2.92 0.47
C LYS A 163 -12.51 -3.80 0.31
N GLY A 164 -11.99 -3.90 -0.91
CA GLY A 164 -10.80 -4.70 -1.12
C GLY A 164 -9.60 -4.16 -0.34
N ALA A 165 -9.49 -2.83 -0.22
CA ALA A 165 -8.38 -2.24 0.54
C ALA A 165 -8.56 -2.54 2.04
N ALA A 166 -9.80 -2.49 2.53
CA ALA A 166 -10.06 -2.77 3.95
C ALA A 166 -9.71 -4.24 4.25
N GLU A 167 -10.12 -5.15 3.37
CA GLU A 167 -9.86 -6.57 3.60
C GLU A 167 -8.38 -6.93 3.63
N ILE A 168 -7.57 -6.37 2.72
CA ILE A 168 -6.14 -6.71 2.76
C ILE A 168 -5.52 -6.22 4.09
N LEU A 169 -5.91 -5.04 4.56
CA LEU A 169 -5.39 -4.54 5.83
C LEU A 169 -5.85 -5.43 7.00
N LYS A 170 -7.10 -5.91 6.93
CA LYS A 170 -7.63 -6.75 8.00
C LYS A 170 -6.94 -8.12 8.05
N LYS A 171 -6.67 -8.69 6.88
CA LYS A 171 -6.01 -9.98 6.76
C LYS A 171 -4.60 -9.89 7.32
N PHE A 172 -3.93 -8.80 7.00
CA PHE A 172 -2.59 -8.58 7.48
C PHE A 172 -2.63 -8.40 9.01
N GLU A 173 -3.53 -7.53 9.47
N GLU A 173 -3.51 -7.53 9.48
CA GLU A 173 -3.69 -7.21 10.88
CA GLU A 173 -3.59 -7.27 10.91
C GLU A 173 -4.04 -8.40 11.76
C GLU A 173 -3.90 -8.50 11.72
N GLN A 174 -4.79 -9.35 11.21
CA GLN A 174 -5.18 -10.54 11.97
C GLN A 174 -4.06 -11.52 12.17
N LYS A 175 -2.92 -11.25 11.55
CA LYS A 175 -1.74 -12.12 11.64
C LYS A 175 -2.07 -13.59 11.36
N THR A 176 -3.03 -13.84 10.49
CA THR A 176 -3.43 -15.21 10.17
C THR A 176 -2.85 -15.75 8.85
N GLN A 177 -2.27 -14.87 8.03
CA GLN A 177 -1.72 -15.24 6.73
C GLN A 177 -0.22 -15.53 6.69
N LEU A 178 0.53 -15.08 7.69
CA LEU A 178 1.98 -15.24 7.68
C LEU A 178 2.50 -15.78 9.02
N SER A 179 3.69 -16.36 9.00
CA SER A 179 4.31 -16.87 10.22
C SER A 179 4.63 -15.66 11.08
N GLU A 180 4.98 -15.86 12.35
CA GLU A 180 5.28 -14.72 13.20
C GLU A 180 6.48 -13.98 12.67
N THR A 181 7.47 -14.71 12.16
CA THR A 181 8.66 -14.07 11.61
C THR A 181 8.36 -13.18 10.38
N SER A 182 7.59 -13.71 9.44
CA SER A 182 7.25 -12.95 8.23
C SER A 182 6.40 -11.74 8.56
N GLN A 183 5.49 -11.89 9.50
CA GLN A 183 4.63 -10.81 9.93
C GLN A 183 5.46 -9.66 10.51
N ALA A 184 6.44 -10.02 11.35
CA ALA A 184 7.31 -9.02 12.01
C ALA A 184 8.17 -8.27 11.00
N LEU A 185 8.63 -8.99 9.98
CA LEU A 185 9.45 -8.40 8.93
C LEU A 185 8.64 -7.41 8.09
N LEU A 186 7.41 -7.79 7.73
CA LEU A 186 6.60 -6.91 6.91
C LEU A 186 6.20 -5.66 7.71
N TRP A 187 5.88 -5.84 9.00
CA TRP A 187 5.50 -4.70 9.84
C TRP A 187 6.72 -3.76 9.89
N LYS A 188 7.91 -4.33 10.03
CA LYS A 188 9.13 -3.51 10.07
C LYS A 188 9.29 -2.66 8.80
N TRP A 189 9.17 -3.27 7.63
CA TRP A 189 9.34 -2.51 6.40
C TRP A 189 8.27 -1.45 6.21
N MET A 190 7.04 -1.74 6.64
CA MET A 190 5.97 -0.75 6.51
C MET A 190 6.09 0.40 7.50
N VAL A 191 6.68 0.17 8.68
CA VAL A 191 6.89 1.26 9.64
C VAL A 191 8.07 2.11 9.17
N GLU A 192 9.07 1.46 8.57
CA GLU A 192 10.24 2.18 8.09
C GLU A 192 10.06 2.91 6.75
N THR A 193 8.92 2.75 6.08
CA THR A 193 8.69 3.43 4.80
C THR A 193 9.17 4.86 4.87
N THR A 194 9.84 5.30 3.82
CA THR A 194 10.36 6.67 3.72
C THR A 194 9.45 7.55 2.85
N THR A 195 8.59 6.90 2.07
CA THR A 195 7.71 7.62 1.17
C THR A 195 6.44 8.15 1.84
N GLY A 196 5.90 9.22 1.28
CA GLY A 196 4.68 9.82 1.79
C GLY A 196 4.59 10.22 3.25
N PRO A 197 5.62 10.84 3.83
CA PRO A 197 5.53 11.22 5.23
C PRO A 197 4.38 12.21 5.55
N GLU A 198 3.93 12.99 4.55
CA GLU A 198 2.86 13.95 4.78
C GLU A 198 1.46 13.44 4.46
N ARG A 199 1.27 12.12 4.31
CA ARG A 199 -0.04 11.57 4.02
C ARG A 199 -0.72 11.07 5.29
N LEU A 200 -0.92 9.76 5.46
CA LEU A 200 -1.58 9.26 6.68
C LEU A 200 -0.97 9.81 7.96
N LYS A 201 0.36 9.92 7.98
CA LYS A 201 1.12 10.40 9.16
C LYS A 201 1.15 11.93 9.30
N GLY A 202 0.68 12.63 8.28
CA GLY A 202 0.73 14.08 8.27
C GLY A 202 0.33 14.92 9.46
N LEU A 203 -0.82 14.63 10.05
CA LEU A 203 -1.35 15.41 11.18
C LEU A 203 -1.52 14.59 12.44
N LEU A 204 -0.84 13.45 12.52
CA LEU A 204 -0.96 12.60 13.69
C LEU A 204 0.08 13.06 14.71
N PRO A 205 -0.16 12.81 16.01
CA PRO A 205 0.87 13.26 16.95
C PRO A 205 2.23 12.56 16.83
N ALA A 206 3.28 13.29 17.19
CA ALA A 206 4.65 12.77 17.18
C ALA A 206 4.69 11.47 17.97
N GLY A 207 5.37 10.48 17.45
CA GLY A 207 5.41 9.24 18.20
C GLY A 207 4.33 8.22 17.87
N THR A 208 3.36 8.57 17.03
CA THR A 208 2.31 7.61 16.66
C THR A 208 2.91 6.57 15.72
N VAL A 209 2.73 5.28 16.04
CA VAL A 209 3.28 4.24 15.16
C VAL A 209 2.32 3.99 14.01
N VAL A 210 2.85 4.10 12.78
CA VAL A 210 2.03 3.90 11.59
C VAL A 210 2.76 3.00 10.59
N ALA A 211 2.17 1.86 10.25
CA ALA A 211 2.75 0.96 9.25
C ALA A 211 1.94 1.29 7.99
N HIS A 212 2.58 1.71 6.90
CA HIS A 212 1.79 2.04 5.71
C HIS A 212 2.54 1.83 4.40
N LYS A 213 1.79 1.90 3.30
CA LYS A 213 2.36 1.76 1.96
C LYS A 213 1.67 2.80 1.07
N THR A 214 2.49 3.59 0.38
CA THR A 214 1.99 4.64 -0.51
C THR A 214 1.89 4.18 -1.96
N GLY A 215 1.18 4.96 -2.75
CA GLY A 215 1.06 4.72 -4.18
C GLY A 215 0.92 6.08 -4.84
N THR A 216 1.68 6.37 -5.90
CA THR A 216 1.58 7.67 -6.58
C THR A 216 1.84 7.57 -8.07
N SER A 217 1.22 8.44 -8.86
CA SER A 217 1.47 8.46 -10.31
C SER A 217 2.03 9.84 -10.63
N GLN A 218 2.54 10.01 -11.84
CA GLN A 218 3.07 11.31 -12.28
C GLN A 218 1.86 12.14 -12.77
N ILE A 219 2.09 13.40 -13.12
CA ILE A 219 1.02 14.27 -13.62
C ILE A 219 1.00 14.06 -15.13
N LYS A 220 -0.08 13.46 -15.65
CA LYS A 220 -0.17 13.18 -17.07
C LYS A 220 -1.54 13.64 -17.53
N ALA A 221 -1.55 14.32 -18.66
CA ALA A 221 -2.79 14.81 -19.25
C ALA A 221 -3.52 15.73 -18.28
N GLY A 222 -2.77 16.49 -17.50
CA GLY A 222 -3.34 17.46 -16.58
C GLY A 222 -3.83 16.99 -15.23
N LYS A 223 -3.69 15.70 -14.92
CA LYS A 223 -4.15 15.17 -13.64
C LYS A 223 -3.18 14.16 -13.05
N THR A 224 -3.38 13.84 -11.78
CA THR A 224 -2.59 12.82 -11.10
C THR A 224 -3.59 11.68 -10.95
N ALA A 225 -3.37 10.59 -11.65
CA ALA A 225 -4.29 9.48 -11.62
C ALA A 225 -4.50 8.89 -10.23
N ALA A 226 -3.43 8.86 -9.43
CA ALA A 226 -3.54 8.24 -8.12
C ALA A 226 -2.58 8.82 -7.11
N THR A 227 -3.10 9.10 -5.91
CA THR A 227 -2.29 9.57 -4.76
C THR A 227 -2.96 8.78 -3.61
N ASN A 228 -2.28 7.72 -3.19
CA ASN A 228 -2.81 6.78 -2.19
C ASN A 228 -1.90 6.52 -0.98
N ASP A 229 -2.52 6.08 0.10
CA ASP A 229 -1.77 5.69 1.29
C ASP A 229 -2.73 4.81 2.09
N LEU A 230 -2.26 3.65 2.53
CA LEU A 230 -3.13 2.80 3.33
C LEU A 230 -2.26 2.22 4.42
N GLY A 231 -2.84 2.01 5.60
CA GLY A 231 -2.01 1.48 6.66
C GLY A 231 -2.75 1.23 7.94
N ILE A 232 -1.96 0.97 8.97
CA ILE A 232 -2.44 0.66 10.32
C ILE A 232 -1.83 1.67 11.27
N ILE A 233 -2.70 2.34 12.02
CA ILE A 233 -2.30 3.32 13.01
C ILE A 233 -2.53 2.71 14.39
N LEU A 234 -1.52 2.71 15.26
CA LEU A 234 -1.72 2.18 16.59
C LEU A 234 -2.28 3.29 17.50
N LEU A 235 -3.42 3.01 18.14
CA LEU A 235 -4.07 3.97 19.03
C LEU A 235 -3.33 4.05 20.36
N PRO A 236 -3.64 5.06 21.20
CA PRO A 236 -2.96 5.20 22.49
C PRO A 236 -3.06 3.95 23.36
N ASP A 237 -4.10 3.14 23.19
CA ASP A 237 -4.20 1.92 23.97
C ASP A 237 -3.55 0.74 23.25
N GLY A 238 -2.76 1.00 22.22
CA GLY A 238 -2.11 -0.08 21.48
C GLY A 238 -2.99 -0.82 20.46
N ARG A 239 -4.28 -0.52 20.38
CA ARG A 239 -5.16 -1.20 19.42
C ARG A 239 -5.04 -0.59 18.02
N PRO A 240 -5.24 -1.41 16.99
CA PRO A 240 -5.12 -0.91 15.61
C PRO A 240 -6.30 -0.21 14.98
N LEU A 241 -5.99 0.82 14.20
CA LEU A 241 -7.01 1.54 13.45
C LEU A 241 -6.57 1.38 11.97
N LEU A 242 -7.41 0.77 11.13
CA LEU A 242 -7.06 0.61 9.72
C LEU A 242 -7.64 1.76 8.91
N VAL A 243 -6.82 2.41 8.09
CA VAL A 243 -7.29 3.53 7.25
C VAL A 243 -6.67 3.43 5.86
N ALA A 244 -7.47 3.61 4.84
CA ALA A 244 -6.98 3.60 3.46
C ALA A 244 -7.63 4.82 2.78
N VAL A 245 -6.82 5.62 2.06
CA VAL A 245 -7.35 6.78 1.36
C VAL A 245 -6.73 6.77 -0.04
N PHE A 246 -7.59 6.77 -1.06
CA PHE A 246 -7.15 6.75 -2.45
C PHE A 246 -7.74 7.98 -3.13
N VAL A 247 -6.88 8.84 -3.66
CA VAL A 247 -7.30 10.05 -4.34
C VAL A 247 -7.07 9.81 -5.82
N LYS A 248 -8.16 9.75 -6.58
CA LYS A 248 -8.09 9.44 -8.00
C LYS A 248 -8.42 10.59 -8.96
N ASP A 249 -7.71 10.62 -10.09
CA ASP A 249 -7.93 11.61 -11.13
C ASP A 249 -8.08 13.02 -10.58
N SER A 250 -7.05 13.47 -9.88
CA SER A 250 -7.09 14.78 -9.26
C SER A 250 -6.56 15.91 -10.08
N ALA A 251 -7.26 17.04 -10.06
CA ALA A 251 -6.76 18.25 -10.73
C ALA A 251 -6.34 19.26 -9.65
N GLU A 252 -6.05 18.78 -8.45
CA GLU A 252 -5.60 19.64 -7.35
C GLU A 252 -4.07 19.57 -7.30
N SER A 253 -3.43 20.44 -6.52
CA SER A 253 -1.96 20.44 -6.41
C SER A 253 -1.54 19.19 -5.66
N SER A 254 -0.28 18.80 -5.82
CA SER A 254 0.25 17.62 -5.14
C SER A 254 0.07 17.78 -3.63
N ARG A 255 0.33 18.99 -3.13
CA ARG A 255 0.22 19.32 -1.72
C ARG A 255 -1.21 19.09 -1.20
N THR A 256 -2.18 19.50 -2.01
CA THR A 256 -3.57 19.33 -1.65
C THR A 256 -3.96 17.85 -1.62
N ASN A 257 -3.45 17.09 -2.58
CA ASN A 257 -3.76 15.66 -2.63
C ASN A 257 -3.29 14.98 -1.37
N GLU A 258 -2.09 15.33 -0.90
CA GLU A 258 -1.58 14.71 0.32
C GLU A 258 -2.32 15.20 1.56
N ALA A 259 -2.71 16.48 1.58
CA ALA A 259 -3.45 17.05 2.73
C ALA A 259 -4.82 16.38 2.87
N ILE A 260 -5.46 15.99 1.77
CA ILE A 260 -6.76 15.30 1.85
C ILE A 260 -6.54 14.00 2.65
N ILE A 261 -5.48 13.28 2.32
CA ILE A 261 -5.20 12.03 3.00
C ILE A 261 -4.89 12.29 4.49
N ALA A 262 -4.02 13.27 4.76
CA ALA A 262 -3.68 13.59 6.15
C ALA A 262 -4.91 13.99 6.97
N GLN A 263 -5.80 14.81 6.38
CA GLN A 263 -7.00 15.23 7.08
C GLN A 263 -7.98 14.11 7.33
N VAL A 264 -8.12 13.21 6.37
CA VAL A 264 -9.02 12.10 6.59
C VAL A 264 -8.46 11.22 7.72
N ALA A 265 -7.16 10.96 7.71
CA ALA A 265 -6.54 10.13 8.75
C ALA A 265 -6.71 10.77 10.12
N GLN A 266 -6.45 12.08 10.20
CA GLN A 266 -6.62 12.76 11.48
C GLN A 266 -8.08 12.73 11.97
N THR A 267 -9.03 12.91 11.06
CA THR A 267 -10.44 12.89 11.44
C THR A 267 -10.82 11.50 11.98
N ALA A 268 -10.34 10.44 11.33
CA ALA A 268 -10.64 9.08 11.79
C ALA A 268 -10.02 8.81 13.16
N TYR A 269 -8.79 9.29 13.34
CA TYR A 269 -8.06 9.11 14.58
C TYR A 269 -8.80 9.84 15.74
N GLN A 270 -9.15 11.10 15.52
CA GLN A 270 -9.87 11.88 16.54
C GLN A 270 -11.18 11.21 16.90
N PHE A 271 -11.87 10.66 15.90
CA PHE A 271 -13.12 9.96 16.14
C PHE A 271 -12.92 8.74 17.06
N GLU A 272 -11.79 8.05 16.89
CA GLU A 272 -11.52 6.91 17.77
C GLU A 272 -11.26 7.43 19.20
N LEU A 273 -10.61 8.57 19.32
CA LEU A 273 -10.37 9.11 20.67
C LEU A 273 -11.72 9.49 21.31
N LYS A 274 -12.65 10.02 20.50
CA LYS A 274 -13.97 10.38 20.99
C LYS A 274 -14.64 9.14 21.60
N LYS A 275 -14.55 8.00 20.92
CA LYS A 275 -15.12 6.74 21.46
C LYS A 275 -14.42 6.30 22.76
N LEU A 276 -13.09 6.39 22.80
CA LEU A 276 -12.34 6.01 24.01
C LEU A 276 -12.73 6.96 25.13
N SER A 277 -12.99 8.21 24.76
N SER A 277 -13.00 8.22 24.78
CA SER A 277 -13.41 9.25 25.72
CA SER A 277 -13.39 9.22 25.77
C SER A 277 -14.71 8.85 26.41
C SER A 277 -14.72 8.83 26.42
N ALA A 278 -15.69 8.44 25.60
CA ALA A 278 -17.00 8.05 26.10
C ALA A 278 -16.84 6.69 26.79
N LEU A 279 -16.74 5.63 25.98
CA LEU A 279 -16.60 4.26 26.50
C LEU A 279 -15.26 3.99 27.19
#